data_2AAO
#
_entry.id   2AAO
#
_cell.length_a   35.968
_cell.length_b   88.154
_cell.length_c   117.552
_cell.angle_alpha   90.00
_cell.angle_beta   90.00
_cell.angle_gamma   90.00
#
_symmetry.space_group_name_H-M   'P 21 21 21'
#
loop_
_entity.id
_entity.type
_entity.pdbx_description
1 polymer 'Calcium-dependent protein kinase, isoform AK1'
2 non-polymer 'CALCIUM ION'
3 water water
#
_entity_poly.entity_id   1
_entity_poly.type   'polypeptide(L)'
_entity_poly.pdbx_seq_one_letter_code
;KQFSA(MSE)NKFKK(MSE)ALRVIAESLSEEEIAGLKE(MSE)FN(MSE)IDADKSGQITFEELKAGLKRVGANLKESE
ILDL(MSE)QAADVDNSGTIDYKEFIAATLHLNKIEREDHLFAAFTYFDKDGSGYITPDELQQACEEFGVEDVRIEEL
(MSE)RDVDQDNDGRIDYNEFVA(MSE)(MSE)QKGSITG
;
_entity_poly.pdbx_strand_id   A,B
#
loop_
_chem_comp.id
_chem_comp.type
_chem_comp.name
_chem_comp.formula
CA non-polymer 'CALCIUM ION' 'Ca 2'
#
# COMPACT_ATOMS: atom_id res chain seq x y z
N MSE A 6 -14.56 19.38 6.72
CA MSE A 6 -14.16 17.95 6.81
C MSE A 6 -13.80 17.42 5.41
O MSE A 6 -12.66 17.06 5.16
CB MSE A 6 -15.23 17.10 7.47
CG MSE A 6 -14.67 15.80 8.07
SE MSE A 6 -16.00 14.51 8.69
CE MSE A 6 -16.70 13.98 6.94
N ASN A 7 -14.79 17.25 4.55
CA ASN A 7 -14.51 17.00 3.14
C ASN A 7 -13.32 17.80 2.61
N LYS A 8 -13.13 19.03 3.09
CA LYS A 8 -11.97 19.82 2.68
C LYS A 8 -10.70 19.13 3.19
N PHE A 9 -10.66 18.89 4.48
CA PHE A 9 -9.55 18.21 5.13
C PHE A 9 -9.29 16.87 4.41
N LYS A 10 -10.36 16.13 4.15
CA LYS A 10 -10.25 14.86 3.45
C LYS A 10 -9.57 15.03 2.10
N LYS A 11 -10.00 16.02 1.32
CA LYS A 11 -9.41 16.27 0.02
C LYS A 11 -7.93 16.62 0.18
N MSE A 12 -7.61 17.38 1.22
CA MSE A 12 -6.24 17.78 1.50
C MSE A 12 -5.36 16.56 1.78
O MSE A 12 -4.22 16.48 1.34
CB MSE A 12 -6.19 18.73 2.68
CG MSE A 12 -6.79 20.08 2.40
SE MSE A 12 -6.51 21.24 3.91
CE MSE A 12 -4.56 21.04 4.06
N ALA A 13 -5.92 15.61 2.53
CA ALA A 13 -5.19 14.39 2.88
C ALA A 13 -4.93 13.55 1.62
N LEU A 14 -5.92 13.49 0.74
CA LEU A 14 -5.80 12.73 -0.50
C LEU A 14 -4.70 13.34 -1.38
N ARG A 15 -4.64 14.66 -1.44
CA ARG A 15 -3.58 15.32 -2.17
C ARG A 15 -2.22 14.97 -1.55
N VAL A 16 -2.13 14.91 -0.23
CA VAL A 16 -0.83 14.59 0.41
C VAL A 16 -0.39 13.18 -0.01
N ILE A 17 -1.32 12.24 0.03
CA ILE A 17 -1.05 10.88 -0.34
C ILE A 17 -0.58 10.80 -1.79
N ALA A 18 -1.30 11.46 -2.69
CA ALA A 18 -0.95 11.45 -4.09
C ALA A 18 0.45 12.01 -4.31
N GLU A 19 0.76 13.11 -3.62
CA GLU A 19 2.06 13.78 -3.76
C GLU A 19 3.16 12.95 -3.12
N SER A 20 2.78 12.06 -2.21
CA SER A 20 3.76 11.28 -1.47
C SER A 20 4.06 9.97 -2.16
N LEU A 21 3.36 9.68 -3.25
CA LEU A 21 3.64 8.49 -4.04
C LEU A 21 5.01 8.66 -4.68
N SER A 22 5.84 7.63 -4.63
CA SER A 22 7.11 7.68 -5.29
C SER A 22 6.94 7.52 -6.80
N GLU A 23 7.96 7.92 -7.54
CA GLU A 23 7.92 7.77 -8.98
C GLU A 23 7.84 6.28 -9.38
N GLU A 24 8.31 5.38 -8.52
CA GLU A 24 8.23 3.95 -8.83
C GLU A 24 6.80 3.45 -8.60
N GLU A 25 6.14 3.98 -7.59
CA GLU A 25 4.74 3.67 -7.37
C GLU A 25 3.89 4.21 -8.54
N ILE A 26 4.24 5.40 -9.03
CA ILE A 26 3.56 6.01 -10.16
C ILE A 26 3.70 5.10 -11.37
N ALA A 27 4.92 4.64 -11.64
CA ALA A 27 5.15 3.74 -12.78
C ALA A 27 4.33 2.44 -12.62
N GLY A 28 4.22 1.95 -11.41
CA GLY A 28 3.38 0.78 -11.15
C GLY A 28 1.91 1.05 -11.48
N LEU A 29 1.39 2.19 -11.04
CA LEU A 29 0.00 2.54 -11.30
C LEU A 29 -0.26 2.68 -12.81
N LYS A 30 0.72 3.19 -13.54
CA LYS A 30 0.64 3.34 -14.97
C LYS A 30 0.56 1.96 -15.64
N GLU A 31 1.38 1.03 -15.15
CA GLU A 31 1.34 -0.33 -15.68
C GLU A 31 -0.03 -0.98 -15.41
N MSE A 32 -0.54 -0.80 -14.20
CA MSE A 32 -1.90 -1.24 -13.81
C MSE A 32 -2.93 -0.68 -14.77
O MSE A 32 -3.78 -1.40 -15.30
CB MSE A 32 -2.24 -0.72 -12.40
CG MSE A 32 -2.35 -1.71 -11.31
SE MSE A 32 -3.29 -1.00 -9.68
CE MSE A 32 -1.67 -0.52 -8.59
N PHE A 33 -2.91 0.64 -14.95
CA PHE A 33 -3.83 1.28 -15.87
C PHE A 33 -3.76 0.65 -17.28
N ASN A 34 -2.55 0.51 -17.81
CA ASN A 34 -2.36 -0.05 -19.13
C ASN A 34 -2.82 -1.50 -19.21
N MSE A 35 -2.62 -2.23 -18.12
CA MSE A 35 -3.06 -3.61 -18.03
C MSE A 35 -4.57 -3.68 -18.23
O MSE A 35 -5.06 -4.53 -18.96
CB MSE A 35 -2.70 -4.18 -16.67
CG MSE A 35 -2.26 -5.63 -16.69
SE MSE A 35 -1.48 -6.23 -14.99
CE MSE A 35 -2.52 -7.22 -14.34
N ILE A 36 -5.30 -2.80 -17.57
CA ILE A 36 -6.76 -2.79 -17.64
C ILE A 36 -7.24 -2.23 -18.98
N ASP A 37 -6.58 -1.16 -19.44
CA ASP A 37 -6.91 -0.52 -20.72
C ASP A 37 -6.38 -1.40 -21.87
N ALA A 38 -7.03 -2.54 -22.06
CA ALA A 38 -6.54 -3.57 -22.97
C ALA A 38 -6.42 -3.15 -24.42
N ASP A 39 -7.31 -2.30 -24.91
CA ASP A 39 -7.23 -1.83 -26.29
C ASP A 39 -6.33 -0.59 -26.45
N LYS A 40 -5.65 -0.19 -25.36
CA LYS A 40 -4.74 0.97 -25.37
C LYS A 40 -5.41 2.23 -25.93
N SER A 41 -6.66 2.46 -25.57
CA SER A 41 -7.38 3.62 -26.02
C SER A 41 -7.16 4.83 -25.11
N GLY A 42 -6.49 4.63 -23.99
CA GLY A 42 -6.26 5.67 -23.02
C GLY A 42 -7.43 5.86 -22.05
N GLN A 43 -8.46 5.04 -22.18
CA GLN A 43 -9.65 5.21 -21.39
C GLN A 43 -10.16 3.81 -21.06
N ILE A 44 -10.51 3.60 -19.78
CA ILE A 44 -11.00 2.32 -19.30
C ILE A 44 -12.51 2.34 -19.28
N THR A 45 -13.13 1.39 -19.97
CA THR A 45 -14.58 1.25 -19.94
C THR A 45 -14.98 0.26 -18.86
N PHE A 46 -16.26 0.26 -18.50
CA PHE A 46 -16.79 -0.69 -17.53
C PHE A 46 -16.42 -2.13 -17.92
N GLU A 47 -16.58 -2.46 -19.19
CA GLU A 47 -16.27 -3.80 -19.69
C GLU A 47 -14.78 -4.12 -19.40
N GLU A 48 -13.90 -3.16 -19.66
CA GLU A 48 -12.48 -3.37 -19.39
C GLU A 48 -12.23 -3.51 -17.90
N LEU A 49 -12.90 -2.68 -17.10
CA LEU A 49 -12.69 -2.67 -15.67
C LEU A 49 -13.08 -4.02 -15.08
N LYS A 50 -14.22 -4.56 -15.51
CA LYS A 50 -14.70 -5.86 -15.04
C LYS A 50 -13.73 -6.97 -15.41
N ALA A 51 -13.15 -6.88 -16.60
CA ALA A 51 -12.22 -7.90 -17.04
C ALA A 51 -10.86 -7.71 -16.36
N GLY A 52 -10.50 -6.47 -16.08
CA GLY A 52 -9.15 -6.18 -15.62
C GLY A 52 -8.84 -6.07 -14.14
N LEU A 53 -9.81 -5.71 -13.31
CA LEU A 53 -9.52 -5.51 -11.89
C LEU A 53 -8.95 -6.77 -11.26
N LYS A 54 -9.50 -7.92 -11.61
CA LYS A 54 -8.99 -9.16 -11.07
C LYS A 54 -7.50 -9.35 -11.39
N ARG A 55 -7.07 -8.85 -12.54
CA ARG A 55 -5.69 -9.04 -12.95
C ARG A 55 -4.72 -8.17 -12.14
N VAL A 56 -5.21 -7.05 -11.59
CA VAL A 56 -4.38 -6.16 -10.79
C VAL A 56 -4.55 -6.47 -9.29
N GLY A 57 -5.07 -7.65 -9.00
CA GLY A 57 -5.17 -8.14 -7.63
C GLY A 57 -6.38 -7.72 -6.83
N ALA A 58 -7.46 -7.31 -7.47
CA ALA A 58 -8.63 -6.85 -6.70
C ALA A 58 -9.88 -7.72 -6.84
N ASN A 59 -10.31 -8.03 -8.06
CA ASN A 59 -11.48 -8.94 -8.27
C ASN A 59 -12.69 -8.72 -7.33
N LEU A 60 -13.31 -7.56 -7.45
CA LEU A 60 -14.49 -7.27 -6.64
C LEU A 60 -15.73 -7.88 -7.30
N LYS A 61 -16.88 -7.81 -6.64
CA LYS A 61 -18.13 -8.26 -7.26
C LYS A 61 -18.51 -7.27 -8.37
N GLU A 62 -19.31 -7.72 -9.33
CA GLU A 62 -19.67 -6.85 -10.46
C GLU A 62 -20.34 -5.55 -10.00
N SER A 63 -21.21 -5.64 -9.00
CA SER A 63 -21.87 -4.47 -8.45
C SER A 63 -20.87 -3.51 -7.79
N GLU A 64 -19.81 -4.08 -7.20
CA GLU A 64 -18.80 -3.28 -6.54
C GLU A 64 -17.93 -2.56 -7.57
N ILE A 65 -17.68 -3.24 -8.67
CA ILE A 65 -16.92 -2.65 -9.76
C ILE A 65 -17.71 -1.50 -10.37
N LEU A 66 -19.01 -1.66 -10.49
CA LEU A 66 -19.83 -0.59 -11.06
C LEU A 66 -19.83 0.61 -10.10
N ASP A 67 -19.93 0.35 -8.81
CA ASP A 67 -19.85 1.43 -7.81
C ASP A 67 -18.53 2.20 -7.92
N LEU A 68 -17.44 1.48 -8.11
CA LEU A 68 -16.12 2.10 -8.24
C LEU A 68 -16.05 2.94 -9.52
N MSE A 69 -16.56 2.36 -10.60
CA MSE A 69 -16.59 3.01 -11.90
C MSE A 69 -17.31 4.36 -11.79
O MSE A 69 -16.77 5.40 -12.19
CB MSE A 69 -17.27 2.06 -12.89
CG MSE A 69 -17.55 2.59 -14.24
SE MSE A 69 -16.00 2.37 -15.41
CE MSE A 69 -16.44 3.79 -16.63
N GLN A 70 -18.49 4.34 -11.19
CA GLN A 70 -19.33 5.54 -11.08
C GLN A 70 -18.71 6.60 -10.18
N ALA A 71 -18.08 6.17 -9.09
CA ALA A 71 -17.42 7.12 -8.20
C ALA A 71 -16.18 7.74 -8.88
N ALA A 72 -15.42 6.92 -9.61
CA ALA A 72 -14.18 7.39 -10.26
C ALA A 72 -14.41 8.30 -11.48
N ASP A 73 -15.52 8.10 -12.17
CA ASP A 73 -15.82 8.82 -13.40
C ASP A 73 -16.46 10.16 -13.10
N VAL A 74 -15.65 11.10 -12.61
CA VAL A 74 -16.16 12.37 -12.12
C VAL A 74 -16.64 13.32 -13.21
N ASP A 75 -16.21 13.10 -14.45
CA ASP A 75 -16.64 13.92 -15.56
C ASP A 75 -17.73 13.23 -16.39
N ASN A 76 -18.26 12.14 -15.84
CA ASN A 76 -19.36 11.41 -16.49
C ASN A 76 -19.08 11.11 -17.95
N SER A 77 -17.84 10.76 -18.26
CA SER A 77 -17.44 10.36 -19.59
C SER A 77 -17.94 8.94 -19.88
N GLY A 78 -18.27 8.20 -18.84
CA GLY A 78 -18.55 6.79 -18.99
C GLY A 78 -17.24 6.02 -19.14
N THR A 79 -16.11 6.70 -18.96
CA THR A 79 -14.82 6.05 -19.01
C THR A 79 -13.95 6.55 -17.85
N ILE A 80 -12.99 5.74 -17.42
CA ILE A 80 -12.04 6.15 -16.40
C ILE A 80 -10.76 6.53 -17.13
N ASP A 81 -10.36 7.78 -17.01
CA ASP A 81 -9.07 8.16 -17.61
C ASP A 81 -7.95 7.97 -16.57
N TYR A 82 -6.72 8.19 -16.98
CA TYR A 82 -5.56 7.93 -16.14
C TYR A 82 -5.61 8.72 -14.81
N LYS A 83 -5.95 10.01 -14.89
CA LYS A 83 -5.99 10.86 -13.70
C LYS A 83 -7.11 10.38 -12.78
N GLU A 84 -8.27 10.07 -13.34
CA GLU A 84 -9.38 9.51 -12.56
C GLU A 84 -9.00 8.17 -11.91
N PHE A 85 -8.23 7.35 -12.63
CA PHE A 85 -7.81 6.06 -12.14
C PHE A 85 -6.91 6.20 -10.91
N ILE A 86 -5.88 7.04 -11.01
CA ILE A 86 -5.01 7.28 -9.88
C ILE A 86 -5.81 7.78 -8.69
N ALA A 87 -6.64 8.81 -8.92
CA ALA A 87 -7.41 9.39 -7.83
C ALA A 87 -8.26 8.31 -7.15
N ALA A 88 -8.82 7.41 -7.96
CA ALA A 88 -9.67 6.31 -7.48
C ALA A 88 -8.90 5.28 -6.66
N THR A 89 -7.69 4.94 -7.06
CA THR A 89 -6.91 3.97 -6.28
C THR A 89 -6.72 4.51 -4.87
N LEU A 90 -6.58 5.83 -4.74
CA LEU A 90 -6.44 6.41 -3.41
C LEU A 90 -7.70 6.28 -2.55
N HIS A 91 -8.82 5.90 -3.15
CA HIS A 91 -10.10 5.72 -2.44
C HIS A 91 -10.46 4.25 -2.20
N LEU A 92 -9.59 3.34 -2.66
CA LEU A 92 -9.84 1.91 -2.54
C LEU A 92 -8.63 1.26 -1.89
N ASN A 93 -8.69 1.04 -0.59
CA ASN A 93 -7.58 0.44 0.13
C ASN A 93 -7.05 -0.80 -0.57
N LYS A 94 -7.97 -1.65 -1.02
CA LYS A 94 -7.62 -2.92 -1.65
C LYS A 94 -6.62 -2.72 -2.77
N ILE A 95 -6.72 -1.59 -3.47
CA ILE A 95 -5.82 -1.36 -4.57
C ILE A 95 -4.59 -0.57 -4.12
N GLU A 96 -4.81 0.55 -3.43
CA GLU A 96 -3.68 1.41 -3.08
C GLU A 96 -2.67 0.70 -2.18
N ARG A 97 -3.16 -0.25 -1.38
CA ARG A 97 -2.28 -0.99 -0.49
C ARG A 97 -1.23 -1.80 -1.30
N GLU A 98 -1.48 -1.99 -2.59
CA GLU A 98 -0.57 -2.80 -3.42
C GLU A 98 0.38 -1.98 -4.27
N ASP A 99 0.40 -0.67 -4.10
CA ASP A 99 1.21 0.16 -4.97
C ASP A 99 2.68 -0.26 -4.97
N HIS A 100 3.20 -0.72 -3.84
CA HIS A 100 4.63 -1.08 -3.81
C HIS A 100 4.90 -2.38 -4.54
N LEU A 101 3.95 -3.32 -4.42
CA LEU A 101 4.05 -4.57 -5.14
C LEU A 101 3.95 -4.34 -6.62
N PHE A 102 3.10 -3.41 -7.02
CA PHE A 102 2.96 -3.15 -8.44
C PHE A 102 4.21 -2.45 -8.93
N ALA A 103 4.83 -1.61 -8.08
CA ALA A 103 6.07 -0.95 -8.45
C ALA A 103 7.11 -2.01 -8.78
N ALA A 104 7.16 -3.06 -7.96
CA ALA A 104 8.17 -4.09 -8.12
C ALA A 104 7.86 -4.93 -9.34
N PHE A 105 6.59 -5.30 -9.52
CA PHE A 105 6.19 -6.06 -10.69
C PHE A 105 6.57 -5.31 -11.98
N THR A 106 6.27 -4.02 -12.06
CA THR A 106 6.53 -3.32 -13.31
C THR A 106 8.01 -3.13 -13.53
N TYR A 107 8.81 -3.23 -12.47
CA TYR A 107 10.26 -3.16 -12.63
C TYR A 107 10.75 -4.42 -13.35
N PHE A 108 10.22 -5.57 -12.99
CA PHE A 108 10.62 -6.82 -13.65
C PHE A 108 10.01 -6.96 -15.03
N ASP A 109 8.82 -6.38 -15.21
CA ASP A 109 8.11 -6.46 -16.49
C ASP A 109 8.68 -5.39 -17.42
N LYS A 110 9.94 -5.59 -17.82
CA LYS A 110 10.68 -4.60 -18.60
C LYS A 110 9.94 -4.04 -19.81
N ASP A 111 9.25 -4.90 -20.57
CA ASP A 111 8.57 -4.44 -21.81
C ASP A 111 7.13 -3.98 -21.62
N GLY A 112 6.65 -3.91 -20.38
CA GLY A 112 5.28 -3.50 -20.13
C GLY A 112 4.29 -4.41 -20.81
N SER A 113 4.65 -5.68 -20.92
CA SER A 113 3.77 -6.66 -21.54
C SER A 113 2.66 -7.11 -20.58
N GLY A 114 2.83 -6.87 -19.29
CA GLY A 114 1.89 -7.33 -18.30
C GLY A 114 2.25 -8.69 -17.71
N TYR A 115 3.33 -9.29 -18.21
CA TYR A 115 3.78 -10.60 -17.73
C TYR A 115 5.29 -10.63 -17.67
N ILE A 116 5.83 -11.30 -16.65
CA ILE A 116 7.27 -11.43 -16.53
C ILE A 116 7.65 -12.73 -17.21
N THR A 117 8.53 -12.65 -18.21
CA THR A 117 8.97 -13.85 -18.92
C THR A 117 10.33 -14.28 -18.42
N PRO A 118 10.70 -15.52 -18.73
CA PRO A 118 12.03 -16.02 -18.37
C PRO A 118 13.18 -15.11 -18.79
N ASP A 119 13.11 -14.51 -19.98
CA ASP A 119 14.18 -13.60 -20.41
C ASP A 119 14.25 -12.38 -19.50
N GLU A 120 13.09 -11.92 -19.01
CA GLU A 120 13.04 -10.76 -18.13
C GLU A 120 13.59 -11.16 -16.75
N LEU A 121 13.24 -12.35 -16.30
CA LEU A 121 13.82 -12.91 -15.08
C LEU A 121 15.35 -12.88 -15.17
N GLN A 122 15.89 -13.34 -16.29
CA GLN A 122 17.33 -13.36 -16.48
C GLN A 122 17.91 -11.93 -16.48
N GLN A 123 17.23 -11.03 -17.17
CA GLN A 123 17.62 -9.62 -17.18
C GLN A 123 17.71 -9.08 -15.77
N ALA A 124 16.70 -9.38 -14.95
CA ALA A 124 16.67 -8.93 -13.56
C ALA A 124 17.85 -9.48 -12.78
N CYS A 125 18.19 -10.74 -13.01
CA CYS A 125 19.24 -11.41 -12.24
C CYS A 125 20.62 -10.82 -12.53
N GLU A 126 20.68 -9.94 -13.53
CA GLU A 126 21.77 -8.98 -13.62
C GLU A 126 21.48 -7.89 -12.58
N GLU A 127 21.26 -8.29 -11.33
CA GLU A 127 20.95 -7.38 -10.24
C GLU A 127 21.76 -7.73 -9.00
N GLU A 136 15.53 -21.04 -12.57
CA GLU A 136 14.38 -21.32 -13.45
C GLU A 136 13.58 -22.55 -12.98
N GLU A 137 13.99 -23.05 -11.81
CA GLU A 137 13.06 -23.70 -10.91
C GLU A 137 12.07 -22.59 -10.49
N LEU A 138 12.51 -21.33 -10.59
CA LEU A 138 11.65 -20.17 -10.35
C LEU A 138 10.29 -20.35 -11.00
N MSE A 139 10.30 -20.64 -12.30
CA MSE A 139 9.06 -20.72 -13.08
C MSE A 139 8.12 -21.80 -12.57
O MSE A 139 6.90 -21.62 -12.60
CB MSE A 139 9.38 -20.95 -14.55
CG MSE A 139 10.04 -19.76 -15.23
SE MSE A 139 8.89 -18.19 -15.27
CE MSE A 139 7.34 -18.96 -16.16
N ARG A 140 8.67 -22.91 -12.09
CA ARG A 140 7.87 -24.04 -11.65
C ARG A 140 6.96 -23.75 -10.46
N ASP A 141 7.49 -23.12 -9.42
CA ASP A 141 6.66 -22.80 -8.27
C ASP A 141 5.87 -21.50 -8.42
N VAL A 142 6.37 -20.57 -9.23
CA VAL A 142 5.69 -19.27 -9.39
C VAL A 142 4.59 -19.28 -10.45
N ASP A 143 4.88 -19.85 -11.62
CA ASP A 143 3.92 -19.87 -12.74
C ASP A 143 2.81 -20.90 -12.54
N GLN A 144 1.81 -20.55 -11.74
CA GLN A 144 0.67 -21.41 -11.36
C GLN A 144 -0.27 -21.87 -12.48
N ASP A 145 -0.37 -21.15 -13.60
CA ASP A 145 -1.27 -21.56 -14.70
C ASP A 145 -0.53 -22.16 -15.91
N ASN A 146 0.79 -22.31 -15.80
CA ASN A 146 1.59 -22.96 -16.83
C ASN A 146 1.53 -22.33 -18.21
N ASP A 147 1.52 -21.01 -18.28
CA ASP A 147 1.52 -20.35 -19.58
C ASP A 147 2.94 -19.84 -19.93
N GLY A 148 3.91 -20.20 -19.10
CA GLY A 148 5.29 -19.82 -19.35
C GLY A 148 5.62 -18.39 -18.96
N ARG A 149 4.67 -17.73 -18.30
CA ARG A 149 4.84 -16.35 -17.84
C ARG A 149 4.38 -16.20 -16.40
N ILE A 150 4.84 -15.12 -15.75
CA ILE A 150 4.43 -14.79 -14.40
C ILE A 150 3.57 -13.54 -14.48
N ASP A 151 2.29 -13.65 -14.11
CA ASP A 151 1.41 -12.49 -14.13
C ASP A 151 1.41 -11.84 -12.73
N TYR A 152 0.73 -10.71 -12.62
CA TYR A 152 0.78 -9.99 -11.35
C TYR A 152 0.31 -10.86 -10.18
N ASN A 153 -0.82 -11.53 -10.36
CA ASN A 153 -1.39 -12.38 -9.30
C ASN A 153 -0.43 -13.50 -8.84
N GLU A 154 0.28 -14.10 -9.78
CA GLU A 154 1.25 -15.13 -9.43
C GLU A 154 2.43 -14.47 -8.69
N PHE A 155 2.76 -13.24 -9.07
CA PHE A 155 3.84 -12.50 -8.41
C PHE A 155 3.47 -12.22 -6.94
N VAL A 156 2.24 -11.77 -6.71
CA VAL A 156 1.79 -11.48 -5.35
C VAL A 156 1.82 -12.77 -4.52
N ALA A 157 1.27 -13.85 -5.07
CA ALA A 157 1.27 -15.14 -4.40
C ALA A 157 2.69 -15.56 -3.97
N MSE A 158 3.66 -15.37 -4.86
CA MSE A 158 5.05 -15.63 -4.54
C MSE A 158 5.46 -14.83 -3.30
O MSE A 158 5.99 -15.39 -2.34
CB MSE A 158 5.94 -15.26 -5.72
CG MSE A 158 7.37 -15.75 -5.59
SE MSE A 158 8.61 -14.77 -6.71
CE MSE A 158 9.71 -14.02 -5.30
N MSE A 159 5.22 -13.51 -3.35
CA MSE A 159 5.50 -12.63 -2.21
C MSE A 159 4.68 -13.13 -1.03
O MSE A 159 5.13 -13.11 0.11
CB MSE A 159 5.13 -11.17 -2.50
CG MSE A 159 6.02 -10.39 -3.45
SE MSE A 159 7.89 -10.85 -3.38
CE MSE A 159 7.87 -12.02 -4.90
N GLN A 160 3.45 -13.56 -1.32
CA GLN A 160 2.50 -14.10 -0.34
C GLN A 160 1.57 -13.04 0.23
N MSE B 6 13.55 -18.80 -5.68
CA MSE B 6 12.46 -17.95 -5.12
C MSE B 6 13.02 -16.98 -4.09
O MSE B 6 12.85 -15.77 -4.23
CB MSE B 6 11.36 -18.80 -4.52
CG MSE B 6 10.03 -18.69 -5.26
SE MSE B 6 8.61 -19.42 -4.18
CE MSE B 6 7.23 -19.44 -5.40
N ASN B 7 13.57 -17.51 -3.01
CA ASN B 7 14.35 -16.73 -2.05
C ASN B 7 15.18 -15.62 -2.70
N LYS B 8 16.09 -15.97 -3.60
CA LYS B 8 16.83 -14.97 -4.33
C LYS B 8 15.87 -13.98 -4.96
N PHE B 9 14.94 -14.49 -5.75
CA PHE B 9 13.96 -13.65 -6.42
C PHE B 9 13.19 -12.85 -5.38
N LYS B 10 12.80 -13.51 -4.30
CA LYS B 10 12.06 -12.86 -3.23
C LYS B 10 12.88 -11.69 -2.70
N LYS B 11 14.14 -11.96 -2.35
CA LYS B 11 15.02 -10.92 -1.84
C LYS B 11 15.16 -9.76 -2.84
N MSE B 12 15.30 -10.09 -4.12
CA MSE B 12 15.46 -9.06 -5.14
C MSE B 12 14.22 -8.17 -5.15
O MSE B 12 14.32 -6.94 -5.16
CB MSE B 12 15.66 -9.67 -6.52
CG MSE B 12 17.08 -10.18 -6.78
SE MSE B 12 17.18 -11.39 -8.32
CE MSE B 12 16.56 -10.14 -9.67
N ALA B 13 13.06 -8.80 -5.13
CA ALA B 13 11.80 -8.09 -5.21
C ALA B 13 11.63 -7.16 -4.02
N LEU B 14 12.11 -7.58 -2.85
CA LEU B 14 11.98 -6.78 -1.65
C LEU B 14 12.85 -5.52 -1.73
N ARG B 15 14.05 -5.67 -2.27
CA ARG B 15 14.90 -4.51 -2.47
C ARG B 15 14.17 -3.52 -3.37
N VAL B 16 13.54 -4.02 -4.43
CA VAL B 16 12.84 -3.12 -5.35
C VAL B 16 11.68 -2.45 -4.61
N ILE B 17 10.93 -3.24 -3.84
CA ILE B 17 9.82 -2.68 -3.10
C ILE B 17 10.31 -1.58 -2.17
N ALA B 18 11.34 -1.89 -1.39
CA ALA B 18 11.89 -0.93 -0.43
C ALA B 18 12.36 0.34 -1.13
N GLU B 19 12.87 0.19 -2.36
CA GLU B 19 13.35 1.30 -3.15
C GLU B 19 12.19 2.21 -3.56
N SER B 20 10.97 1.67 -3.60
CA SER B 20 9.82 2.44 -4.04
C SER B 20 9.18 3.27 -2.90
N LEU B 21 9.73 3.16 -1.68
CA LEU B 21 9.25 3.96 -0.56
C LEU B 21 9.71 5.40 -0.75
N SER B 22 8.78 6.35 -0.71
CA SER B 22 9.15 7.74 -0.79
C SER B 22 9.58 8.22 0.58
N GLU B 23 10.21 9.38 0.62
CA GLU B 23 10.61 10.01 1.87
C GLU B 23 9.40 10.21 2.78
N GLU B 24 8.29 10.60 2.18
CA GLU B 24 7.07 10.87 2.94
C GLU B 24 6.51 9.58 3.58
N GLU B 25 6.55 8.48 2.84
CA GLU B 25 6.08 7.20 3.38
C GLU B 25 7.00 6.68 4.50
N ILE B 26 8.32 6.87 4.34
CA ILE B 26 9.25 6.44 5.37
C ILE B 26 9.03 7.26 6.64
N ALA B 27 8.79 8.56 6.48
CA ALA B 27 8.50 9.40 7.64
C ALA B 27 7.27 8.83 8.38
N GLY B 28 6.29 8.37 7.62
CA GLY B 28 5.10 7.76 8.19
C GLY B 28 5.42 6.48 8.98
N LEU B 29 6.31 5.65 8.44
CA LEU B 29 6.70 4.41 9.11
C LEU B 29 7.41 4.72 10.42
N LYS B 30 8.23 5.76 10.42
CA LYS B 30 8.94 6.21 11.63
C LYS B 30 7.95 6.62 12.70
N GLU B 31 6.94 7.39 12.31
CA GLU B 31 5.91 7.82 13.25
C GLU B 31 5.12 6.60 13.75
N MSE B 32 4.78 5.69 12.86
CA MSE B 32 4.03 4.49 13.26
C MSE B 32 4.87 3.65 14.27
O MSE B 32 4.38 3.21 15.29
CB MSE B 32 3.66 3.65 12.03
CG MSE B 32 2.78 2.46 12.34
SE MSE B 32 2.38 1.34 10.80
CE MSE B 32 1.59 2.68 9.66
N PHE B 33 6.15 3.46 13.95
CA PHE B 33 7.05 2.74 14.83
C PHE B 33 7.13 3.38 16.21
N ASN B 34 7.28 4.70 16.24
CA ASN B 34 7.39 5.46 17.48
C ASN B 34 6.09 5.41 18.29
N MSE B 35 4.95 5.35 17.61
CA MSE B 35 3.67 5.25 18.29
C MSE B 35 3.56 3.90 19.03
O MSE B 35 2.93 3.81 20.08
CB MSE B 35 2.52 5.32 17.28
CG MSE B 35 1.85 6.68 17.09
SE MSE B 35 0.04 6.48 16.28
CE MSE B 35 -0.85 5.84 17.78
N ILE B 36 4.12 2.85 18.45
CA ILE B 36 4.04 1.53 19.04
C ILE B 36 5.12 1.35 20.10
N ASP B 37 6.26 1.98 19.89
CA ASP B 37 7.40 1.92 20.81
C ASP B 37 7.20 2.91 21.95
N ALA B 38 6.30 2.57 22.86
CA ALA B 38 5.84 3.46 23.95
C ALA B 38 6.88 3.99 24.91
N ASP B 39 7.86 3.17 25.26
CA ASP B 39 8.92 3.62 26.17
C ASP B 39 10.09 4.26 25.40
N LYS B 40 9.96 4.36 24.08
CA LYS B 40 11.01 4.96 23.23
C LYS B 40 12.35 4.23 23.38
N SER B 41 12.30 2.94 23.68
CA SER B 41 13.55 2.20 23.83
C SER B 41 14.27 1.98 22.51
N GLY B 42 13.55 2.11 21.39
CA GLY B 42 14.12 1.83 20.08
C GLY B 42 13.80 0.42 19.60
N GLN B 43 13.13 -0.37 20.43
CA GLN B 43 12.70 -1.67 19.96
C GLN B 43 11.30 -1.95 20.52
N ILE B 44 10.48 -2.63 19.72
CA ILE B 44 9.13 -2.98 20.10
C ILE B 44 9.08 -4.39 20.70
N THR B 45 8.61 -4.52 21.95
CA THR B 45 8.41 -5.81 22.57
C THR B 45 7.02 -6.37 22.18
N PHE B 46 6.81 -7.65 22.44
CA PHE B 46 5.53 -8.28 22.14
C PHE B 46 4.42 -7.50 22.84
N GLU B 47 4.65 -7.15 24.11
CA GLU B 47 3.67 -6.41 24.89
C GLU B 47 3.30 -5.10 24.21
N GLU B 48 4.32 -4.36 23.76
CA GLU B 48 4.11 -3.07 23.13
C GLU B 48 3.38 -3.23 21.81
N LEU B 49 3.76 -4.25 21.05
CA LEU B 49 3.11 -4.53 19.78
C LEU B 49 1.62 -4.76 19.97
N LYS B 50 1.30 -5.63 20.93
CA LYS B 50 -0.08 -5.94 21.28
C LYS B 50 -0.88 -4.71 21.73
N ALA B 51 -0.30 -3.88 22.60
CA ALA B 51 -0.99 -2.68 23.07
C ALA B 51 -0.96 -1.56 22.03
N GLY B 52 0.00 -1.59 21.12
CA GLY B 52 0.17 -0.51 20.16
C GLY B 52 -0.55 -0.64 18.84
N LEU B 53 -0.77 -1.86 18.38
CA LEU B 53 -1.38 -2.07 17.07
C LEU B 53 -2.68 -1.30 16.91
N LYS B 54 -3.53 -1.34 17.94
CA LYS B 54 -4.82 -0.64 17.88
C LYS B 54 -4.66 0.85 17.66
N ARG B 55 -3.72 1.44 18.38
CA ARG B 55 -3.42 2.86 18.26
C ARG B 55 -3.14 3.24 16.79
N VAL B 56 -2.54 2.34 16.03
CA VAL B 56 -2.21 2.63 14.64
C VAL B 56 -3.21 2.02 13.67
N GLY B 57 -4.44 1.83 14.14
CA GLY B 57 -5.51 1.33 13.29
C GLY B 57 -5.42 -0.11 12.83
N ALA B 58 -4.61 -0.93 13.48
CA ALA B 58 -4.51 -2.33 13.08
C ALA B 58 -5.23 -3.20 14.08
N ASN B 59 -6.23 -3.92 13.60
CA ASN B 59 -7.05 -4.76 14.44
C ASN B 59 -6.74 -6.26 14.25
N LEU B 60 -5.81 -6.77 15.04
CA LEU B 60 -5.36 -8.15 14.88
C LEU B 60 -5.85 -9.04 16.01
N LYS B 61 -6.16 -10.27 15.68
CA LYS B 61 -6.48 -11.26 16.69
C LYS B 61 -5.14 -11.75 17.24
N GLU B 62 -5.16 -12.33 18.43
CA GLU B 62 -3.94 -12.79 19.08
C GLU B 62 -3.02 -13.60 18.15
N SER B 63 -3.57 -14.59 17.45
CA SER B 63 -2.73 -15.43 16.58
C SER B 63 -2.04 -14.63 15.48
N GLU B 64 -2.71 -13.59 15.00
CA GLU B 64 -2.14 -12.69 13.98
C GLU B 64 -1.01 -11.84 14.54
N ILE B 65 -1.15 -11.38 15.78
CA ILE B 65 -0.08 -10.64 16.42
C ILE B 65 1.16 -11.54 16.55
N LEU B 66 0.94 -12.79 16.94
CA LEU B 66 2.03 -13.73 17.11
C LEU B 66 2.73 -13.99 15.75
N ASP B 67 1.94 -14.17 14.68
CA ASP B 67 2.47 -14.38 13.33
C ASP B 67 3.34 -13.19 12.94
N LEU B 68 2.86 -12.00 13.24
CA LEU B 68 3.55 -10.78 12.90
C LEU B 68 4.87 -10.68 13.64
N MSE B 69 4.85 -10.96 14.95
CA MSE B 69 6.07 -10.90 15.72
C MSE B 69 7.07 -11.89 15.14
O MSE B 69 8.24 -11.55 14.93
CB MSE B 69 5.84 -11.19 17.20
CG MSE B 69 7.13 -11.38 18.01
SE MSE B 69 8.31 -9.77 18.03
CE MSE B 69 7.24 -8.73 19.06
N GLN B 70 6.60 -13.11 14.87
CA GLN B 70 7.45 -14.16 14.33
C GLN B 70 8.12 -13.77 12.99
N ALA B 71 7.33 -13.17 12.10
CA ALA B 71 7.83 -12.81 10.77
C ALA B 71 8.71 -11.57 10.81
N ALA B 72 8.36 -10.60 11.64
CA ALA B 72 9.12 -9.35 11.68
C ALA B 72 10.48 -9.51 12.38
N ASP B 73 10.52 -10.34 13.43
CA ASP B 73 11.72 -10.47 14.29
C ASP B 73 12.79 -11.36 13.65
N VAL B 74 13.38 -10.83 12.60
CA VAL B 74 14.31 -11.57 11.79
C VAL B 74 15.55 -12.08 12.53
N ASP B 75 16.05 -11.35 13.52
CA ASP B 75 17.23 -11.81 14.23
C ASP B 75 16.89 -12.61 15.48
N ASN B 76 15.60 -12.90 15.69
CA ASN B 76 15.18 -13.71 16.83
C ASN B 76 15.56 -13.08 18.15
N SER B 77 15.50 -11.76 18.23
CA SER B 77 15.80 -11.06 19.47
C SER B 77 14.59 -11.00 20.39
N GLY B 78 13.43 -11.42 19.89
CA GLY B 78 12.19 -11.29 20.63
C GLY B 78 11.62 -9.88 20.58
N THR B 79 12.28 -8.96 19.87
CA THR B 79 11.84 -7.56 19.76
C THR B 79 11.96 -7.10 18.31
N ILE B 80 11.18 -6.08 17.94
CA ILE B 80 11.21 -5.60 16.58
C ILE B 80 11.88 -4.25 16.60
N ASP B 81 13.05 -4.13 15.95
CA ASP B 81 13.72 -2.85 15.83
C ASP B 81 13.19 -2.08 14.63
N TYR B 82 13.63 -0.84 14.48
CA TYR B 82 13.13 0.04 13.43
C TYR B 82 13.33 -0.52 12.02
N LYS B 83 14.52 -1.04 11.72
CA LYS B 83 14.78 -1.59 10.40
C LYS B 83 13.92 -2.83 10.14
N GLU B 84 13.75 -3.67 11.16
CA GLU B 84 12.92 -4.86 11.02
C GLU B 84 11.48 -4.44 10.75
N PHE B 85 11.07 -3.37 11.41
CA PHE B 85 9.71 -2.88 11.29
C PHE B 85 9.47 -2.44 9.86
N ILE B 86 10.37 -1.63 9.31
CA ILE B 86 10.20 -1.18 7.93
C ILE B 86 10.10 -2.42 7.04
N ALA B 87 11.06 -3.34 7.19
CA ALA B 87 11.07 -4.53 6.37
C ALA B 87 9.77 -5.32 6.47
N ALA B 88 9.15 -5.32 7.65
CA ALA B 88 7.92 -6.06 7.83
C ALA B 88 6.75 -5.37 7.09
N THR B 89 6.80 -4.06 6.94
CA THR B 89 5.72 -3.36 6.27
C THR B 89 5.75 -3.59 4.76
N LEU B 90 6.84 -4.11 4.23
CA LEU B 90 6.93 -4.38 2.79
C LEU B 90 5.98 -5.49 2.33
N HIS B 91 5.59 -6.39 3.24
CA HIS B 91 4.68 -7.48 2.92
C HIS B 91 3.24 -7.00 3.09
N LEU B 92 2.30 -7.60 2.39
CA LEU B 92 0.89 -7.24 2.54
C LEU B 92 0.36 -7.65 3.92
N ASN B 93 0.77 -6.90 4.93
CA ASN B 93 0.39 -7.14 6.31
C ASN B 93 -0.67 -6.16 6.73
N LYS B 94 -1.25 -6.38 7.91
CA LYS B 94 -2.22 -5.43 8.44
C LYS B 94 -1.48 -4.14 8.87
N ILE B 95 -0.18 -4.23 9.12
CA ILE B 95 0.59 -3.05 9.48
C ILE B 95 1.08 -2.30 8.24
N GLU B 96 0.93 -2.94 7.08
CA GLU B 96 1.26 -2.31 5.79
C GLU B 96 0.01 -1.70 5.18
N ARG B 97 -1.12 -2.27 5.58
CA ARG B 97 -2.45 -1.93 5.06
C ARG B 97 -2.71 -0.45 4.87
N GLU B 98 -2.54 0.34 5.93
CA GLU B 98 -2.85 1.76 5.86
C GLU B 98 -1.62 2.69 5.88
N ASP B 99 -0.49 2.23 5.35
CA ASP B 99 0.74 3.06 5.35
C ASP B 99 0.66 4.39 4.60
N HIS B 100 -0.09 4.44 3.51
CA HIS B 100 -0.27 5.72 2.83
C HIS B 100 -1.02 6.67 3.74
N LEU B 101 -2.09 6.15 4.31
CA LEU B 101 -2.96 6.95 5.15
C LEU B 101 -2.14 7.41 6.34
N PHE B 102 -1.29 6.51 6.82
CA PHE B 102 -0.47 6.88 7.96
C PHE B 102 0.55 7.95 7.60
N ALA B 103 1.08 7.93 6.38
CA ALA B 103 2.01 8.98 5.98
C ALA B 103 1.31 10.34 5.83
N ALA B 104 0.02 10.35 5.47
CA ALA B 104 -0.71 11.60 5.42
C ALA B 104 -0.86 12.14 6.83
N PHE B 105 -1.21 11.27 7.77
CA PHE B 105 -1.38 11.67 9.15
C PHE B 105 -0.10 12.33 9.64
N THR B 106 1.02 11.73 9.31
CA THR B 106 2.31 12.21 9.76
C THR B 106 2.67 13.56 9.19
N TYR B 107 2.25 13.81 7.95
CA TYR B 107 2.51 15.07 7.30
C TYR B 107 1.82 16.18 8.10
N PHE B 108 0.61 15.90 8.57
CA PHE B 108 -0.17 16.92 9.29
C PHE B 108 0.31 17.06 10.72
N ASP B 109 0.84 15.98 11.27
CA ASP B 109 1.38 15.96 12.62
C ASP B 109 2.80 16.50 12.59
N LYS B 110 2.93 17.81 12.33
CA LYS B 110 4.22 18.48 12.17
C LYS B 110 5.12 18.17 13.33
N ASP B 111 4.53 18.09 14.51
CA ASP B 111 5.23 17.75 15.72
C ASP B 111 5.88 16.37 15.70
N GLY B 112 5.05 15.35 15.49
CA GLY B 112 5.45 13.98 15.72
C GLY B 112 4.89 13.60 17.10
N SER B 113 3.97 14.42 17.60
CA SER B 113 3.34 14.21 18.91
C SER B 113 2.38 12.99 18.93
N GLY B 114 1.98 12.53 17.75
CA GLY B 114 1.05 11.43 17.64
C GLY B 114 -0.35 11.97 17.49
N TYR B 115 -0.48 13.29 17.51
CA TYR B 115 -1.78 13.95 17.43
C TYR B 115 -1.74 15.18 16.58
N ILE B 116 -2.76 15.33 15.73
CA ILE B 116 -2.94 16.55 14.96
C ILE B 116 -3.74 17.53 15.79
N THR B 117 -3.22 18.75 15.96
CA THR B 117 -3.93 19.77 16.73
C THR B 117 -4.45 20.86 15.81
N PRO B 118 -5.39 21.66 16.32
CA PRO B 118 -5.96 22.77 15.55
C PRO B 118 -4.89 23.67 14.96
N ASP B 119 -3.87 24.00 15.74
CA ASP B 119 -2.79 24.87 15.27
C ASP B 119 -1.99 24.17 14.16
N GLU B 120 -1.96 22.85 14.19
CA GLU B 120 -1.35 22.07 13.12
C GLU B 120 -2.27 22.01 11.90
N LEU B 121 -3.58 22.06 12.14
CA LEU B 121 -4.54 22.05 11.05
C LEU B 121 -4.48 23.36 10.26
N GLN B 122 -4.43 24.47 10.98
CA GLN B 122 -4.21 25.77 10.35
C GLN B 122 -2.90 25.77 9.56
N GLN B 123 -1.82 25.33 10.20
CA GLN B 123 -0.48 25.45 9.63
C GLN B 123 -0.26 24.43 8.52
N MSE B 139 -16.79 22.77 12.50
CA MSE B 139 -15.80 22.08 13.32
C MSE B 139 -16.16 20.62 13.64
O MSE B 139 -16.91 19.97 12.91
CB MSE B 139 -15.44 22.87 14.62
CG MSE B 139 -14.26 23.84 14.47
SE MSE B 139 -12.60 22.97 13.97
CE MSE B 139 -11.76 24.43 12.96
N ARG B 140 -15.73 20.21 14.83
CA ARG B 140 -15.26 18.84 15.04
C ARG B 140 -16.22 17.67 15.04
N ASP B 141 -16.68 17.35 13.83
CA ASP B 141 -17.28 16.05 13.59
C ASP B 141 -16.23 14.98 13.92
N VAL B 142 -14.96 15.35 13.93
CA VAL B 142 -13.85 14.39 13.90
C VAL B 142 -13.32 13.98 15.26
N ASP B 143 -13.20 14.94 16.17
CA ASP B 143 -12.63 14.69 17.48
C ASP B 143 -13.68 14.01 18.33
N GLN B 144 -13.77 12.71 18.20
CA GLN B 144 -14.84 11.98 18.86
C GLN B 144 -14.62 11.82 20.36
N ASP B 145 -13.39 11.92 20.82
CA ASP B 145 -13.13 11.78 22.26
C ASP B 145 -13.13 13.13 23.00
N ASN B 146 -13.32 14.22 22.25
CA ASN B 146 -13.44 15.56 22.82
C ASN B 146 -12.20 16.06 23.57
N ASP B 147 -11.01 15.60 23.17
CA ASP B 147 -9.78 16.02 23.85
C ASP B 147 -9.04 17.16 23.15
N GLY B 148 -9.65 17.74 22.11
CA GLY B 148 -9.06 18.87 21.41
C GLY B 148 -8.01 18.46 20.39
N ARG B 149 -7.89 17.17 20.14
CA ARG B 149 -6.93 16.71 19.16
C ARG B 149 -7.43 15.51 18.35
N ILE B 150 -6.81 15.33 17.21
CA ILE B 150 -7.13 14.25 16.31
C ILE B 150 -6.05 13.17 16.36
N ASP B 151 -6.39 12.01 16.93
CA ASP B 151 -5.48 10.85 16.95
C ASP B 151 -5.61 10.07 15.65
N TYR B 152 -4.72 9.11 15.43
CA TYR B 152 -4.74 8.38 14.17
C TYR B 152 -6.06 7.70 13.86
N ASN B 153 -6.65 7.03 14.86
CA ASN B 153 -7.90 6.34 14.63
C ASN B 153 -9.02 7.30 14.26
N GLU B 154 -9.06 8.47 14.89
CA GLU B 154 -10.07 9.47 14.50
C GLU B 154 -9.83 9.92 13.04
N PHE B 155 -8.57 10.03 12.67
CA PHE B 155 -8.22 10.46 11.33
C PHE B 155 -8.72 9.40 10.33
N VAL B 156 -8.56 8.12 10.67
CA VAL B 156 -9.02 7.06 9.79
C VAL B 156 -10.53 7.05 9.65
N ALA B 157 -11.24 7.19 10.76
CA ALA B 157 -12.71 7.23 10.72
C ALA B 157 -13.20 8.36 9.83
N MSE B 158 -12.47 9.48 9.84
CA MSE B 158 -12.83 10.63 9.03
C MSE B 158 -12.70 10.29 7.54
O MSE B 158 -13.61 10.55 6.76
CB MSE B 158 -11.93 11.82 9.36
CG MSE B 158 -12.27 13.07 8.56
SE MSE B 158 -10.87 14.38 8.63
CE MSE B 158 -9.65 13.57 7.32
N MSE B 159 -11.54 9.74 7.19
CA MSE B 159 -11.27 9.34 5.82
C MSE B 159 -12.24 8.26 5.35
O MSE B 159 -12.63 8.22 4.18
CB MSE B 159 -9.85 8.81 5.71
CG MSE B 159 -8.80 9.82 6.07
SE MSE B 159 -8.79 11.27 4.81
CE MSE B 159 -8.05 10.34 3.31
N GLN B 160 -12.65 7.40 6.29
CA GLN B 160 -13.56 6.29 6.03
C GLN B 160 -12.86 5.11 5.34
CA CA C . -9.79 1.23 -23.31
CA CA D . -14.22 9.94 -16.92
CA CA E . 7.07 -8.65 -19.95
CA CA F . 1.55 -17.79 -15.55
CA CA G . 10.15 -0.31 23.46
CA CA H . 14.64 -8.42 16.36
CA CA I . 1.14 17.12 16.59
CA CA J . -9.43 13.28 19.86
CA CA K . 12.36 -16.85 13.94
#